data_3TCJ
#
_entry.id   3TCJ
#
_cell.length_a   46.864
_cell.length_b   62.561
_cell.length_c   81.951
_cell.angle_alpha   90.00
_cell.angle_beta   90.00
_cell.angle_gamma   90.00
#
_symmetry.space_group_name_H-M   'P 21 21 21'
#
loop_
_entity.id
_entity.type
_entity.pdbx_description
1 polymer CcdB
2 polymer 'Protein CcdA'
3 non-polymer 'ACETATE ION'
4 water water
#
loop_
_entity_poly.entity_id
_entity_poly.type
_entity_poly.pdbx_seq_one_letter_code
_entity_poly.pdbx_strand_id
1 'polypeptide(L)'
;MSQFTLYKNKDKSSAKTYPYFVDVQSDLLDNLNTRLVIPLTPIELLDKKAPSHLCPTIHIDEGDFIMLTQQMTSVPVKIL
SEPVNELSTFRNEIIAAIDFLITGI
;
A,B
2 'polypeptide(L)' RRLRAERWKAENQEGMAEVARFIEMNGSFADENRDW T
#
loop_
_chem_comp.id
_chem_comp.type
_chem_comp.name
_chem_comp.formula
ACT non-polymer 'ACETATE ION' 'C2 H3 O2 -1'
#
# COMPACT_ATOMS: atom_id res chain seq x y z
N SER A 2 -8.21 -10.82 -6.46
CA SER A 2 -7.93 -10.71 -7.89
C SER A 2 -7.95 -9.26 -8.32
N GLN A 3 -6.95 -8.83 -9.09
CA GLN A 3 -6.80 -7.42 -9.43
C GLN A 3 -8.05 -6.80 -10.02
N PHE A 4 -8.50 -5.71 -9.41
CA PHE A 4 -9.64 -4.94 -9.86
C PHE A 4 -10.99 -5.54 -9.46
N THR A 5 -10.94 -6.68 -8.76
CA THR A 5 -12.15 -7.25 -8.18
C THR A 5 -12.62 -6.37 -7.03
N LEU A 6 -13.93 -6.12 -6.95
CA LEU A 6 -14.49 -5.29 -5.90
C LEU A 6 -15.04 -6.17 -4.78
N TYR A 7 -14.70 -5.81 -3.55
CA TYR A 7 -15.16 -6.58 -2.39
C TYR A 7 -16.03 -5.74 -1.45
N LYS A 8 -17.01 -6.38 -0.84
CA LYS A 8 -17.86 -5.71 0.14
C LYS A 8 -17.17 -5.71 1.49
N ASN A 9 -17.13 -4.53 2.12
CA ASN A 9 -16.51 -4.40 3.44
C ASN A 9 -17.37 -5.07 4.51
N LYS A 10 -16.84 -6.14 5.10
CA LYS A 10 -17.58 -6.91 6.08
C LYS A 10 -17.41 -6.36 7.50
N ASP A 11 -16.54 -5.36 7.65
CA ASP A 11 -16.30 -4.74 8.94
C ASP A 11 -17.37 -3.69 9.23
N LYS A 12 -18.26 -4.00 10.15
CA LYS A 12 -19.39 -3.14 10.47
C LYS A 12 -18.99 -1.73 10.89
N SER A 13 -17.80 -1.59 11.47
CA SER A 13 -17.35 -0.31 11.99
C SER A 13 -16.98 0.69 10.89
N SER A 14 -16.54 0.18 9.74
CA SER A 14 -16.05 1.02 8.67
C SER A 14 -16.85 0.86 7.38
N ALA A 15 -17.84 -0.01 7.41
CA ALA A 15 -18.63 -0.32 6.22
C ALA A 15 -19.44 0.87 5.72
N LYS A 16 -19.88 1.72 6.64
CA LYS A 16 -20.70 2.87 6.27
C LYS A 16 -19.93 3.86 5.39
N THR A 17 -18.74 4.25 5.85
CA THR A 17 -17.92 5.19 5.11
C THR A 17 -17.18 4.51 3.96
N TYR A 18 -16.81 3.25 4.18
CA TYR A 18 -16.08 2.48 3.17
C TYR A 18 -16.81 1.19 2.85
N PRO A 19 -17.91 1.29 2.08
CA PRO A 19 -18.77 0.16 1.74
C PRO A 19 -18.03 -0.94 0.97
N TYR A 20 -17.09 -0.55 0.12
CA TYR A 20 -16.37 -1.50 -0.69
C TYR A 20 -14.88 -1.14 -0.78
N PHE A 21 -14.08 -2.11 -1.21
CA PHE A 21 -12.68 -1.84 -1.54
C PHE A 21 -12.28 -2.65 -2.76
N VAL A 22 -11.42 -2.07 -3.59
CA VAL A 22 -10.97 -2.72 -4.81
C VAL A 22 -9.53 -3.21 -4.69
N ASP A 23 -9.30 -4.45 -5.10
CA ASP A 23 -7.96 -5.03 -5.10
C ASP A 23 -7.16 -4.43 -6.26
N VAL A 24 -6.04 -3.78 -5.95
CA VAL A 24 -5.23 -3.15 -6.98
C VAL A 24 -3.87 -3.82 -7.14
N GLN A 25 -3.71 -4.97 -6.48
CA GLN A 25 -2.45 -5.69 -6.49
C GLN A 25 -2.34 -6.63 -7.69
N SER A 26 -1.15 -6.69 -8.29
CA SER A 26 -0.91 -7.54 -9.45
C SER A 26 -1.19 -9.01 -9.14
N ASP A 27 -1.85 -9.68 -10.08
CA ASP A 27 -2.18 -11.10 -9.92
C ASP A 27 -0.91 -11.95 -9.81
N LEU A 28 0.20 -11.42 -10.35
CA LEU A 28 1.47 -12.12 -10.27
C LEU A 28 1.84 -12.40 -8.81
N LEU A 29 1.35 -11.54 -7.92
CA LEU A 29 1.72 -11.63 -6.51
C LEU A 29 0.60 -12.19 -5.64
N ASP A 30 -0.29 -12.98 -6.24
CA ASP A 30 -1.45 -13.51 -5.51
C ASP A 30 -1.10 -14.57 -4.48
N ASN A 31 0.18 -14.95 -4.43
CA ASN A 31 0.64 -15.89 -3.39
C ASN A 31 0.88 -15.18 -2.06
N LEU A 32 0.96 -13.85 -2.10
CA LEU A 32 1.04 -13.06 -0.87
C LEU A 32 -0.25 -13.27 -0.08
N ASN A 33 -0.14 -13.21 1.25
CA ASN A 33 -1.33 -13.32 2.09
C ASN A 33 -1.88 -11.95 2.44
N THR A 34 -1.38 -10.92 1.77
CA THR A 34 -1.90 -9.56 1.92
C THR A 34 -2.23 -8.98 0.55
N ARG A 35 -3.10 -7.98 0.54
CA ARG A 35 -3.50 -7.32 -0.69
C ARG A 35 -3.48 -5.82 -0.53
N LEU A 36 -2.90 -5.13 -1.51
CA LEU A 36 -3.02 -3.68 -1.58
C LEU A 36 -4.41 -3.36 -2.12
N VAL A 37 -5.20 -2.64 -1.33
CA VAL A 37 -6.56 -2.31 -1.73
C VAL A 37 -6.87 -0.84 -1.53
N ILE A 38 -7.90 -0.36 -2.24
CA ILE A 38 -8.34 1.02 -2.11
C ILE A 38 -9.84 1.05 -1.81
N PRO A 39 -10.23 1.75 -0.74
CA PRO A 39 -11.63 1.83 -0.34
C PRO A 39 -12.44 2.78 -1.21
N LEU A 40 -13.71 2.47 -1.39
CA LEU A 40 -14.62 3.34 -2.11
C LEU A 40 -15.62 3.95 -1.14
N THR A 41 -15.91 5.24 -1.32
CA THR A 41 -16.88 5.92 -0.47
C THR A 41 -18.03 6.48 -1.30
N PRO A 42 -19.26 6.40 -0.79
CA PRO A 42 -20.45 6.85 -1.52
C PRO A 42 -20.41 8.36 -1.75
N ILE A 43 -20.81 8.79 -2.93
CA ILE A 43 -20.82 10.22 -3.24
C ILE A 43 -21.85 10.96 -2.39
N GLU A 44 -22.85 10.23 -1.90
CA GLU A 44 -23.92 10.84 -1.11
C GLU A 44 -23.48 11.19 0.31
N LEU A 45 -22.26 10.78 0.67
CA LEU A 45 -21.73 11.06 2.01
C LEU A 45 -20.63 12.12 1.99
N LEU A 46 -20.32 12.64 0.80
CA LEU A 46 -19.23 13.59 0.65
C LEU A 46 -19.62 15.01 1.07
N ASP A 47 -18.72 15.66 1.78
CA ASP A 47 -18.90 17.06 2.17
C ASP A 47 -18.39 17.98 1.08
N LYS A 48 -17.27 17.58 0.48
CA LYS A 48 -16.61 18.39 -0.54
C LYS A 48 -16.26 17.52 -1.74
N LYS A 49 -15.94 18.15 -2.86
CA LYS A 49 -15.52 17.43 -4.05
C LYS A 49 -14.08 16.94 -3.89
N ALA A 50 -13.83 15.72 -4.34
CA ALA A 50 -12.47 15.16 -4.33
C ALA A 50 -11.81 15.39 -5.68
N PRO A 51 -10.50 15.66 -5.68
CA PRO A 51 -9.74 15.83 -6.93
C PRO A 51 -9.87 14.58 -7.80
N SER A 52 -10.47 14.73 -8.98
CA SER A 52 -10.82 13.58 -9.81
C SER A 52 -9.62 12.82 -10.37
N HIS A 53 -8.50 13.52 -10.54
CA HIS A 53 -7.28 12.88 -11.04
C HIS A 53 -6.75 11.87 -10.04
N LEU A 54 -6.94 12.16 -8.75
CA LEU A 54 -6.49 11.27 -7.69
C LEU A 54 -7.59 10.34 -7.22
N CYS A 55 -8.82 10.84 -7.18
CA CYS A 55 -9.95 10.08 -6.68
C CYS A 55 -11.06 10.00 -7.71
N PRO A 56 -10.89 9.13 -8.71
CA PRO A 56 -11.85 9.00 -9.82
C PRO A 56 -13.22 8.57 -9.31
N THR A 57 -14.26 9.08 -9.95
CA THR A 57 -15.62 8.64 -9.65
C THR A 57 -15.87 7.30 -10.33
N ILE A 58 -16.43 6.36 -9.57
CA ILE A 58 -16.71 5.03 -10.08
C ILE A 58 -18.21 4.77 -10.07
N HIS A 59 -18.80 4.63 -11.26
CA HIS A 59 -20.23 4.33 -11.37
C HIS A 59 -20.47 2.85 -11.63
N ILE A 60 -21.13 2.20 -10.68
CA ILE A 60 -21.42 0.78 -10.78
C ILE A 60 -22.83 0.47 -10.27
N ASP A 61 -23.24 -0.79 -10.40
CA ASP A 61 -24.55 -1.21 -9.91
C ASP A 61 -24.75 -0.79 -8.46
N GLU A 62 -23.74 -1.03 -7.63
CA GLU A 62 -23.81 -0.71 -6.21
C GLU A 62 -24.04 0.78 -5.96
N GLY A 63 -23.80 1.61 -6.97
CA GLY A 63 -24.00 3.04 -6.85
C GLY A 63 -22.85 3.86 -7.42
N ASP A 64 -22.81 5.14 -7.06
CA ASP A 64 -21.71 6.02 -7.46
C ASP A 64 -20.76 6.26 -6.28
N PHE A 65 -19.48 6.05 -6.51
CA PHE A 65 -18.50 6.13 -5.43
C PHE A 65 -17.27 6.94 -5.83
N ILE A 66 -16.55 7.42 -4.83
CA ILE A 66 -15.25 8.03 -5.03
C ILE A 66 -14.17 7.04 -4.57
N MET A 67 -13.22 6.73 -5.44
CA MET A 67 -12.11 5.88 -5.05
C MET A 67 -11.10 6.69 -4.25
N LEU A 68 -11.01 6.39 -2.96
CA LEU A 68 -10.11 7.11 -2.06
C LEU A 68 -8.69 6.58 -2.17
N THR A 69 -8.06 6.86 -3.30
CA THR A 69 -6.73 6.35 -3.62
C THR A 69 -5.69 6.63 -2.54
N GLN A 70 -5.79 7.80 -1.91
CA GLN A 70 -4.81 8.20 -0.90
C GLN A 70 -4.88 7.33 0.34
N GLN A 71 -5.98 6.60 0.49
CA GLN A 71 -6.15 5.71 1.63
C GLN A 71 -5.90 4.25 1.26
N MET A 72 -5.18 4.06 0.17
CA MET A 72 -4.74 2.73 -0.25
C MET A 72 -3.94 2.10 0.88
N THR A 73 -4.22 0.84 1.17
CA THR A 73 -3.56 0.17 2.28
C THR A 73 -3.42 -1.34 2.04
N SER A 74 -2.46 -1.95 2.73
CA SER A 74 -2.26 -3.39 2.68
C SER A 74 -3.14 -4.07 3.73
N VAL A 75 -3.97 -5.01 3.29
CA VAL A 75 -4.85 -5.73 4.20
C VAL A 75 -4.66 -7.24 4.07
N PRO A 76 -4.99 -7.99 5.12
CA PRO A 76 -4.92 -9.46 5.04
C PRO A 76 -5.88 -9.96 3.97
N VAL A 77 -5.45 -10.95 3.19
CA VAL A 77 -6.30 -11.50 2.14
C VAL A 77 -7.61 -12.04 2.71
N LYS A 78 -7.63 -12.25 4.02
CA LYS A 78 -8.80 -12.81 4.70
C LYS A 78 -10.03 -11.93 4.57
N ILE A 79 -9.85 -10.61 4.57
CA ILE A 79 -10.98 -9.69 4.50
C ILE A 79 -11.54 -9.55 3.09
N LEU A 80 -10.87 -10.15 2.10
CA LEU A 80 -11.39 -10.21 0.74
C LEU A 80 -12.31 -11.42 0.62
N SER A 81 -13.36 -11.45 1.43
CA SER A 81 -14.20 -12.63 1.56
C SER A 81 -15.48 -12.59 0.72
N GLU A 82 -15.89 -11.39 0.29
CA GLU A 82 -17.12 -11.26 -0.49
C GLU A 82 -16.95 -10.39 -1.72
N PRO A 83 -16.47 -10.99 -2.83
CA PRO A 83 -16.39 -10.27 -4.10
C PRO A 83 -17.79 -10.01 -4.65
N VAL A 84 -18.04 -8.79 -5.13
CA VAL A 84 -19.37 -8.42 -5.60
C VAL A 84 -19.36 -7.88 -7.03
N ASN A 85 -18.19 -7.47 -7.49
CA ASN A 85 -18.09 -6.86 -8.82
C ASN A 85 -16.65 -6.86 -9.32
N GLU A 86 -16.46 -6.45 -10.57
CA GLU A 86 -15.14 -6.37 -11.16
C GLU A 86 -14.98 -5.02 -11.87
N LEU A 87 -13.88 -4.33 -11.61
CA LEU A 87 -13.68 -2.98 -12.12
C LEU A 87 -12.56 -2.89 -13.17
N SER A 88 -12.35 -3.97 -13.91
CA SER A 88 -11.24 -4.04 -14.86
C SER A 88 -11.35 -2.98 -15.97
N THR A 89 -12.56 -2.51 -16.24
CA THR A 89 -12.76 -1.50 -17.27
C THR A 89 -12.22 -0.13 -16.85
N PHE A 90 -12.00 0.01 -15.54
CA PHE A 90 -11.46 1.26 -15.00
C PHE A 90 -9.97 1.13 -14.73
N ARG A 91 -9.40 0.02 -15.20
CA ARG A 91 -7.98 -0.29 -14.97
C ARG A 91 -7.05 0.91 -15.17
N ASN A 92 -7.15 1.55 -16.33
CA ASN A 92 -6.26 2.64 -16.68
C ASN A 92 -6.32 3.83 -15.71
N GLU A 93 -7.53 4.23 -15.33
CA GLU A 93 -7.67 5.36 -14.42
C GLU A 93 -7.29 4.99 -12.99
N ILE A 94 -7.55 3.75 -12.59
CA ILE A 94 -7.16 3.29 -11.27
C ILE A 94 -5.64 3.34 -11.14
N ILE A 95 -4.94 2.81 -12.14
CA ILE A 95 -3.49 2.82 -12.15
C ILE A 95 -2.96 4.25 -12.21
N ALA A 96 -3.59 5.07 -13.05
CA ALA A 96 -3.18 6.47 -13.20
C ALA A 96 -3.38 7.24 -11.91
N ALA A 97 -4.40 6.86 -11.14
CA ALA A 97 -4.67 7.49 -9.86
C ALA A 97 -3.55 7.18 -8.86
N ILE A 98 -3.17 5.92 -8.79
CA ILE A 98 -2.08 5.50 -7.92
C ILE A 98 -0.78 6.17 -8.35
N ASP A 99 -0.51 6.17 -9.65
CA ASP A 99 0.69 6.80 -10.18
C ASP A 99 0.74 8.29 -9.84
N PHE A 100 -0.42 8.94 -9.92
CA PHE A 100 -0.52 10.36 -9.57
C PHE A 100 -0.15 10.57 -8.09
N LEU A 101 -0.66 9.69 -7.23
CA LEU A 101 -0.41 9.76 -5.80
C LEU A 101 1.08 9.75 -5.46
N ILE A 102 1.86 9.02 -6.25
CA ILE A 102 3.29 8.85 -5.95
C ILE A 102 4.22 9.60 -6.90
N THR A 103 3.67 10.36 -7.84
CA THR A 103 4.49 11.06 -8.82
CA THR A 103 4.50 11.06 -8.81
C THR A 103 4.04 12.49 -9.04
N GLY A 104 2.75 12.75 -8.84
CA GLY A 104 2.20 14.07 -9.08
C GLY A 104 1.96 14.29 -10.56
N ILE A 105 2.09 13.23 -11.34
CA ILE A 105 1.82 13.28 -12.77
C ILE A 105 0.46 12.66 -13.07
N SER B 2 8.82 16.43 0.84
CA SER B 2 9.21 15.48 1.87
C SER B 2 8.94 14.03 1.46
N GLN B 3 8.60 13.83 0.20
CA GLN B 3 8.56 12.48 -0.35
C GLN B 3 9.96 11.90 -0.21
N PHE B 4 10.03 10.64 0.23
CA PHE B 4 11.30 9.94 0.44
C PHE B 4 11.98 10.31 1.75
N THR B 5 11.33 11.13 2.56
CA THR B 5 11.83 11.42 3.89
C THR B 5 11.69 10.19 4.76
N LEU B 6 12.70 9.91 5.57
CA LEU B 6 12.68 8.76 6.46
C LEU B 6 12.22 9.18 7.86
N TYR B 7 11.32 8.40 8.44
CA TYR B 7 10.78 8.72 9.76
C TYR B 7 11.00 7.58 10.74
N LYS B 8 11.35 7.93 11.98
CA LYS B 8 11.44 6.95 13.05
C LYS B 8 10.03 6.55 13.48
N ASN B 9 9.79 5.26 13.63
CA ASN B 9 8.49 4.74 14.03
C ASN B 9 8.22 4.99 15.51
N LYS B 10 7.21 5.80 15.79
CA LYS B 10 6.85 6.13 17.17
C LYS B 10 5.76 5.24 17.72
N ASP B 11 5.22 4.36 16.87
CA ASP B 11 4.24 3.38 17.30
C ASP B 11 4.94 2.26 18.06
N LYS B 12 4.75 2.22 19.37
CA LYS B 12 5.45 1.27 20.22
C LYS B 12 5.19 -0.19 19.84
N SER B 13 3.98 -0.49 19.40
CA SER B 13 3.59 -1.87 19.12
C SER B 13 4.18 -2.42 17.82
N SER B 14 4.89 -1.57 17.08
CA SER B 14 5.46 -1.98 15.80
C SER B 14 6.88 -1.46 15.58
N ALA B 15 7.37 -0.67 16.54
CA ALA B 15 8.67 -0.04 16.40
C ALA B 15 9.85 -1.01 16.33
N LYS B 16 9.74 -2.13 17.04
CA LYS B 16 10.84 -3.10 17.08
C LYS B 16 11.07 -3.76 15.72
N THR B 17 9.99 -4.20 15.10
CA THR B 17 10.07 -4.85 13.79
C THR B 17 10.20 -3.82 12.68
N TYR B 18 9.54 -2.67 12.86
CA TYR B 18 9.56 -1.62 11.86
C TYR B 18 10.05 -0.30 12.45
N PRO B 19 11.38 -0.18 12.64
CA PRO B 19 11.97 1.00 13.28
C PRO B 19 11.79 2.28 12.48
N TYR B 20 11.64 2.16 11.16
CA TYR B 20 11.47 3.33 10.31
C TYR B 20 10.46 3.09 9.21
N PHE B 21 9.96 4.17 8.63
CA PHE B 21 9.13 4.10 7.43
C PHE B 21 9.40 5.31 6.54
N VAL B 22 9.23 5.13 5.23
CA VAL B 22 9.51 6.19 4.28
C VAL B 22 8.22 6.72 3.63
N ASP B 23 8.11 8.03 3.55
CA ASP B 23 7.00 8.66 2.86
C ASP B 23 7.21 8.55 1.36
N VAL B 24 6.25 7.97 0.65
CA VAL B 24 6.38 7.79 -0.79
C VAL B 24 5.36 8.61 -1.57
N GLN B 25 4.64 9.47 -0.87
CA GLN B 25 3.60 10.29 -1.46
C GLN B 25 4.15 11.56 -2.10
N SER B 26 3.59 11.94 -3.24
CA SER B 26 4.03 13.12 -3.97
C SER B 26 3.85 14.40 -3.15
N ASP B 27 4.84 15.28 -3.22
CA ASP B 27 4.80 16.55 -2.50
C ASP B 27 3.67 17.46 -3.02
N LEU B 28 3.25 17.22 -4.25
CA LEU B 28 2.15 17.98 -4.84
C LEU B 28 0.86 17.79 -4.06
N LEU B 29 0.75 16.66 -3.37
CA LEU B 29 -0.48 16.33 -2.64
C LEU B 29 -0.32 16.44 -1.14
N ASP B 30 0.59 17.32 -0.70
CA ASP B 30 0.88 17.45 0.71
C ASP B 30 -0.24 18.14 1.49
N ASN B 31 -1.26 18.61 0.78
CA ASN B 31 -2.42 19.21 1.41
C ASN B 31 -3.30 18.15 2.06
N LEU B 32 -3.13 16.90 1.65
CA LEU B 32 -3.86 15.78 2.23
C LEU B 32 -3.46 15.62 3.69
N ASN B 33 -4.38 15.12 4.50
CA ASN B 33 -4.11 14.88 5.92
C ASN B 33 -3.62 13.46 6.19
N THR B 34 -3.29 12.75 5.12
CA THR B 34 -2.72 11.41 5.24
C THR B 34 -1.51 11.27 4.32
N ARG B 35 -0.69 10.25 4.58
CA ARG B 35 0.50 10.00 3.79
C ARG B 35 0.66 8.53 3.49
N LEU B 36 0.99 8.21 2.24
CA LEU B 36 1.30 6.84 1.86
C LEU B 36 2.74 6.55 2.26
N VAL B 37 2.95 5.54 3.10
CA VAL B 37 4.29 5.22 3.58
C VAL B 37 4.61 3.73 3.46
N ILE B 38 5.89 3.41 3.46
CA ILE B 38 6.34 2.02 3.42
C ILE B 38 7.34 1.77 4.55
N PRO B 39 7.10 0.72 5.35
CA PRO B 39 7.93 0.45 6.52
C PRO B 39 9.25 -0.24 6.17
N LEU B 40 10.26 -0.04 7.00
CA LEU B 40 11.54 -0.72 6.87
C LEU B 40 11.75 -1.68 8.03
N THR B 41 12.33 -2.84 7.74
CA THR B 41 12.68 -3.80 8.79
C THR B 41 14.15 -4.18 8.67
N PRO B 42 14.82 -4.37 9.83
CA PRO B 42 16.23 -4.74 9.83
C PRO B 42 16.47 -6.01 9.02
N ILE B 43 17.49 -5.99 8.16
CA ILE B 43 17.80 -7.13 7.31
C ILE B 43 18.30 -8.31 8.14
N GLU B 44 19.01 -8.02 9.22
CA GLU B 44 19.53 -9.07 10.10
C GLU B 44 18.40 -9.64 10.95
N LEU B 45 17.23 -9.02 10.85
CA LEU B 45 16.05 -9.47 11.57
C LEU B 45 15.18 -10.33 10.65
N LEU B 46 15.57 -10.37 9.38
CA LEU B 46 14.87 -11.19 8.40
C LEU B 46 15.86 -12.21 7.83
N ASP B 47 15.47 -13.48 7.83
CA ASP B 47 16.36 -14.55 7.38
C ASP B 47 15.77 -15.33 6.22
N LYS B 49 15.97 -13.94 2.53
CA LYS B 49 16.08 -13.38 1.20
C LYS B 49 14.70 -13.26 0.53
N ALA B 50 14.06 -12.11 0.71
CA ALA B 50 12.78 -11.84 0.08
C ALA B 50 12.97 -11.49 -1.39
N PRO B 51 11.90 -11.63 -2.20
CA PRO B 51 11.96 -11.27 -3.62
C PRO B 51 12.49 -9.85 -3.79
N SER B 52 13.70 -9.74 -4.34
CA SER B 52 14.38 -8.46 -4.47
C SER B 52 13.56 -7.39 -5.19
N HIS B 53 12.82 -7.80 -6.22
CA HIS B 53 12.03 -6.84 -7.01
C HIS B 53 10.90 -6.23 -6.20
N LEU B 54 10.42 -6.96 -5.21
CA LEU B 54 9.30 -6.50 -4.40
C LEU B 54 9.77 -5.86 -3.09
N CYS B 55 10.92 -6.30 -2.60
CA CYS B 55 11.45 -5.81 -1.33
C CYS B 55 12.88 -5.32 -1.48
N PRO B 56 13.05 -4.05 -1.88
CA PRO B 56 14.37 -3.45 -2.10
C PRO B 56 15.19 -3.38 -0.82
N THR B 57 16.49 -3.51 -0.94
CA THR B 57 17.40 -3.37 0.20
C THR B 57 17.82 -1.92 0.36
N ILE B 58 17.79 -1.43 1.60
CA ILE B 58 18.13 -0.05 1.88
C ILE B 58 19.37 0.04 2.76
N HIS B 59 20.45 0.59 2.20
CA HIS B 59 21.68 0.79 2.95
C HIS B 59 21.84 2.26 3.34
N ILE B 60 21.65 2.55 4.62
CA ILE B 60 21.73 3.93 5.11
C ILE B 60 22.53 4.01 6.41
N ASP B 61 22.74 5.23 6.90
CA ASP B 61 23.49 5.43 8.14
C ASP B 61 22.84 4.74 9.33
N GLU B 62 21.51 4.62 9.29
CA GLU B 62 20.77 3.99 10.38
C GLU B 62 20.95 2.48 10.40
N GLY B 63 21.39 1.92 9.28
CA GLY B 63 21.62 0.48 9.17
C GLY B 63 21.23 -0.09 7.82
N ASP B 64 21.06 -1.41 7.77
CA ASP B 64 20.69 -2.09 6.55
C ASP B 64 19.28 -2.68 6.69
N PHE B 65 18.39 -2.29 5.78
CA PHE B 65 16.98 -2.65 5.91
C PHE B 65 16.38 -3.24 4.65
N ILE B 66 15.24 -3.91 4.82
CA ILE B 66 14.42 -4.36 3.70
C ILE B 66 13.15 -3.53 3.69
N MET B 67 12.84 -2.92 2.55
CA MET B 67 11.59 -2.18 2.43
C MET B 67 10.45 -3.12 2.12
N LEU B 68 9.50 -3.23 3.04
CA LEU B 68 8.38 -4.14 2.89
C LEU B 68 7.23 -3.48 2.12
N THR B 69 7.39 -3.40 0.81
CA THR B 69 6.41 -2.76 -0.06
C THR B 69 5.02 -3.36 0.12
N GLN B 70 4.96 -4.65 0.40
CA GLN B 70 3.68 -5.34 0.55
C GLN B 70 2.94 -4.89 1.82
N GLN B 71 3.62 -4.12 2.66
CA GLN B 71 3.02 -3.58 3.87
C GLN B 71 2.78 -2.08 3.76
N MET B 72 2.82 -1.57 2.54
CA MET B 72 2.56 -0.15 2.29
C MET B 72 1.18 0.22 2.79
N THR B 73 1.06 1.41 3.39
CA THR B 73 -0.21 1.83 3.95
C THR B 73 -0.35 3.34 4.09
N SER B 74 -1.59 3.80 4.10
CA SER B 74 -1.91 5.20 4.35
C SER B 74 -1.96 5.44 5.86
N VAL B 75 -1.31 6.49 6.32
CA VAL B 75 -1.30 6.82 7.74
C VAL B 75 -1.63 8.30 7.94
N PRO B 76 -2.16 8.65 9.12
CA PRO B 76 -2.42 10.06 9.43
C PRO B 76 -1.10 10.84 9.39
N VAL B 77 -1.14 12.05 8.84
CA VAL B 77 0.06 12.87 8.73
C VAL B 77 0.65 13.14 10.11
N LYS B 78 -0.14 12.90 11.16
CA LYS B 78 0.27 13.20 12.52
C LYS B 78 1.45 12.35 13.00
N ILE B 79 1.52 11.10 12.53
CA ILE B 79 2.53 10.17 13.02
C ILE B 79 3.90 10.35 12.36
N LEU B 80 3.98 11.27 11.41
CA LEU B 80 5.27 11.63 10.81
C LEU B 80 5.97 12.66 11.68
N SER B 81 6.10 12.34 12.96
CA SER B 81 6.58 13.31 13.95
C SER B 81 8.10 13.41 14.04
N GLU B 82 8.82 12.40 13.59
CA GLU B 82 10.27 12.38 13.74
C GLU B 82 11.04 12.00 12.47
N PRO B 83 11.29 13.00 11.60
CA PRO B 83 12.13 12.84 10.41
C PRO B 83 13.60 12.75 10.80
N VAL B 84 14.33 11.79 10.22
CA VAL B 84 15.71 11.54 10.63
C VAL B 84 16.68 11.45 9.44
N ASN B 85 16.14 11.22 8.25
CA ASN B 85 16.97 11.04 7.06
C ASN B 85 16.09 11.14 5.82
N GLU B 86 16.68 10.90 4.65
CA GLU B 86 15.90 10.84 3.41
C GLU B 86 16.52 9.83 2.44
N LEU B 87 15.68 9.23 1.61
CA LEU B 87 16.11 8.13 0.75
C LEU B 87 16.00 8.45 -0.74
N SER B 88 16.16 9.71 -1.10
CA SER B 88 15.99 10.13 -2.49
C SER B 88 16.97 9.41 -3.42
N THR B 89 18.10 8.99 -2.87
CA THR B 89 19.09 8.26 -3.65
C THR B 89 18.55 6.88 -4.07
N PHE B 90 17.53 6.42 -3.38
CA PHE B 90 16.90 5.14 -3.70
C PHE B 90 15.51 5.33 -4.31
N ARG B 91 15.19 6.56 -4.73
CA ARG B 91 13.85 6.87 -5.20
CA ARG B 91 13.84 6.88 -5.21
C ARG B 91 13.37 5.93 -6.31
N ASN B 92 14.26 5.62 -7.25
CA ASN B 92 13.90 4.76 -8.36
C ASN B 92 13.68 3.31 -7.97
N GLU B 93 14.46 2.83 -7.02
CA GLU B 93 14.29 1.48 -6.50
C GLU B 93 12.98 1.38 -5.71
N ILE B 94 12.67 2.43 -4.96
CA ILE B 94 11.47 2.49 -4.15
C ILE B 94 10.20 2.51 -5.00
N ILE B 95 10.16 3.41 -5.98
CA ILE B 95 9.01 3.53 -6.86
C ILE B 95 8.86 2.30 -7.76
N ALA B 96 9.99 1.74 -8.19
CA ALA B 96 9.96 0.54 -9.04
C ALA B 96 9.30 -0.62 -8.31
N ALA B 97 9.54 -0.70 -7.00
CA ALA B 97 8.93 -1.74 -6.17
C ALA B 97 7.41 -1.59 -6.15
N ILE B 98 6.93 -0.36 -6.10
CA ILE B 98 5.50 -0.09 -6.16
C ILE B 98 4.95 -0.43 -7.54
N ASP B 99 5.67 -0.03 -8.58
CA ASP B 99 5.34 -0.41 -9.94
C ASP B 99 5.13 -1.92 -10.01
N PHE B 100 6.10 -2.66 -9.47
CA PHE B 100 6.06 -4.11 -9.49
C PHE B 100 4.85 -4.65 -8.74
N LEU B 101 4.57 -4.07 -7.58
CA LEU B 101 3.43 -4.48 -6.76
C LEU B 101 2.12 -4.37 -7.54
N ILE B 102 2.05 -3.39 -8.44
CA ILE B 102 0.82 -3.07 -9.13
C ILE B 102 0.74 -3.60 -10.56
N THR B 103 1.89 -3.77 -11.21
CA THR B 103 1.91 -4.18 -12.61
C THR B 103 2.56 -5.54 -12.83
N GLY B 104 3.33 -5.99 -11.85
CA GLY B 104 4.08 -7.24 -12.00
C GLY B 104 5.18 -7.08 -13.02
N ILE B 105 5.55 -5.83 -13.28
CA ILE B 105 6.61 -5.51 -14.22
C ILE B 105 7.65 -4.61 -13.56
N ARG C 4 5.84 -17.07 -18.75
CA ARG C 4 5.76 -18.09 -17.72
C ARG C 4 5.50 -17.47 -16.34
N ALA C 5 4.41 -16.71 -16.25
CA ALA C 5 4.05 -16.07 -14.99
C ALA C 5 3.90 -17.09 -13.87
N GLU C 6 3.42 -18.28 -14.20
CA GLU C 6 3.22 -19.33 -13.22
C GLU C 6 4.56 -19.85 -12.70
N ARG C 7 5.55 -19.94 -13.57
CA ARG C 7 6.88 -20.37 -13.15
C ARG C 7 7.54 -19.34 -12.25
N TRP C 8 7.32 -18.06 -12.56
CA TRP C 8 7.84 -16.99 -11.70
C TRP C 8 7.26 -17.14 -10.30
N LYS C 9 5.95 -17.35 -10.23
CA LYS C 9 5.27 -17.56 -8.95
C LYS C 9 5.90 -18.76 -8.24
N ALA C 10 6.06 -19.85 -8.99
CA ALA C 10 6.61 -21.08 -8.43
C ALA C 10 8.01 -20.86 -7.87
N GLU C 11 8.85 -20.18 -8.63
CA GLU C 11 10.21 -19.92 -8.20
C GLU C 11 10.28 -19.05 -6.95
N ASN C 12 9.39 -18.06 -6.88
CA ASN C 12 9.40 -17.11 -5.77
C ASN C 12 8.47 -17.51 -4.61
N GLN C 13 7.97 -18.74 -4.64
CA GLN C 13 7.07 -19.23 -3.61
C GLN C 13 7.71 -19.20 -2.23
N GLU C 14 8.90 -19.79 -2.11
CA GLU C 14 9.59 -19.87 -0.83
C GLU C 14 9.96 -18.50 -0.29
N GLY C 15 10.38 -17.60 -1.18
CA GLY C 15 10.71 -16.24 -0.79
C GLY C 15 9.51 -15.55 -0.18
N MET C 16 8.35 -15.70 -0.81
CA MET C 16 7.12 -15.11 -0.31
C MET C 16 6.68 -15.75 0.99
N ALA C 17 6.71 -17.08 1.04
CA ALA C 17 6.32 -17.81 2.24
C ALA C 17 7.12 -17.37 3.45
N GLU C 18 8.44 -17.26 3.27
CA GLU C 18 9.32 -16.83 4.36
C GLU C 18 8.91 -15.46 4.88
N VAL C 19 8.62 -14.54 3.97
CA VAL C 19 8.19 -13.19 4.34
C VAL C 19 6.87 -13.23 5.10
N ALA C 20 5.92 -14.02 4.60
CA ALA C 20 4.62 -14.17 5.23
C ALA C 20 4.76 -14.67 6.67
N ARG C 21 5.55 -15.72 6.85
CA ARG C 21 5.79 -16.26 8.19
C ARG C 21 6.49 -15.23 9.07
N PHE C 22 7.30 -14.38 8.46
CA PHE C 22 7.99 -13.33 9.19
C PHE C 22 7.02 -12.30 9.74
N ILE C 23 6.05 -11.91 8.92
CA ILE C 23 5.05 -10.92 9.31
C ILE C 23 4.06 -11.49 10.33
N GLU C 24 3.79 -12.79 10.24
CA GLU C 24 2.89 -13.44 11.18
C GLU C 24 3.54 -13.54 12.56
N MET C 25 4.86 -13.75 12.57
CA MET C 25 5.59 -13.94 13.81
C MET C 25 6.10 -12.62 14.40
N ASN C 26 6.06 -11.56 13.60
CA ASN C 26 6.59 -10.26 14.05
C ASN C 26 5.58 -9.12 13.97
N GLY C 27 4.38 -9.42 13.48
CA GLY C 27 3.33 -8.42 13.37
C GLY C 27 3.33 -7.67 12.05
N SER C 28 2.22 -7.05 11.72
CA SER C 28 2.08 -6.30 10.47
C SER C 28 2.04 -4.80 10.71
N PHE C 29 2.85 -4.05 9.97
CA PHE C 29 2.90 -2.60 10.09
C PHE C 29 1.58 -1.96 9.66
N ALA C 30 1.05 -2.40 8.52
CA ALA C 30 -0.17 -1.83 7.97
C ALA C 30 -1.35 -1.88 8.94
N ASP C 31 -1.61 -3.07 9.47
CA ASP C 31 -2.74 -3.28 10.39
C ASP C 31 -2.67 -2.39 11.62
N GLU C 32 -1.45 -2.08 12.07
CA GLU C 32 -1.28 -1.33 13.31
C GLU C 32 -1.25 0.18 13.09
N ASN C 33 -1.11 0.60 11.84
CA ASN C 33 -0.98 2.03 11.51
C ASN C 33 -2.02 2.52 10.51
N ARG C 34 -2.79 1.60 9.95
CA ARG C 34 -3.81 1.95 8.96
C ARG C 34 -4.78 3.01 9.48
N ASP C 35 -5.16 3.93 8.61
CA ASP C 35 -6.02 5.05 8.98
C ASP C 35 -7.49 4.84 8.60
N TRP C 36 -8.02 3.67 8.94
CA TRP C 36 -9.44 3.36 8.73
C TRP C 36 -9.73 1.87 8.90
C ACT D . 7.70 -11.12 -14.58
O ACT D . 8.80 -11.66 -14.85
OXT ACT D . 7.77 -9.97 -14.10
CH3 ACT D . 6.39 -11.80 -14.82
#